data_5ZNJ
#
_entry.id   5ZNJ
#
_cell.length_a   130.139
_cell.length_b   77.535
_cell.length_c   74.226
_cell.angle_alpha   90.00
_cell.angle_beta   99.36
_cell.angle_gamma   90.00
#
_symmetry.space_group_name_H-M   'C 1 2 1'
#
loop_
_entity.id
_entity.type
_entity.pdbx_description
1 polymer 'Proline--tRNA ligase'
2 non-polymer 'PHOSPHOAMINOPHOSPHONIC ACID-ADENYLATE ESTER'
3 non-polymer 7-bromo-6-chloro-3-{3-[(2R,3S)-3-hydroxypiperidin-2-yl]-2-oxopropyl}quinazolin-4(3H)-one
4 non-polymer 'MAGNESIUM ION'
5 non-polymer 'PHOSPHATE ION'
6 non-polymer GLYCEROL
7 water water
#
_entity_poly.entity_id   1
_entity_poly.type   'polypeptide(L)'
_entity_poly.pdbx_seq_one_letter_code
;MKQSKVFIPTMRDVPSEAEAQSHRLLLKSGLIKQSTSGIYSYLPLATRVLNNITAIVRQEMERIDSVEILMPALQQAELW
EESGRWGAYGPELMRLQDRHGRQFALGPTHEELVTSIVRNELKSYKQLPMTLFQIQSKFRDEKRPRFGLLRGREFIMKDA
YSFHADEASLDQTYQDMYQAYSRIFERVGINARPVVADSGAIGGSHTHEFMALSAIGEDTIVYSKESDYTANIEKAEVVY
EPNHKHSTVQPLEKIETPNVKTAQELADFLGRPVDEIAKTMIFKVDGEYIMVLVRGHHEINDIKLKSYFGTDNIELATQD
EIVNLVGANPGSLGPVIDKEIKIYADNFVQDLNNLVVGANEDGYHLINVNVGRDFNVDEYGDFRFILEGEKLSDGSGVAH
FAEGIEVGQVFKLGTKYSESMNATFLDNQGKAQPLIMGCYGIGISRTLSAIVEQNHDDNGIVWPKSVTPFDLHLISINPK
KDDQRELADALYAEFNTKFDVLYDDRQERAGVKFNDADLIGLPLRIVVGKRASEGIVEVKERLTGDSEEVHIDDLMTVIT
NKYDNLK
;
_entity_poly.pdbx_strand_id   A
#
loop_
_chem_comp.id
_chem_comp.type
_chem_comp.name
_chem_comp.formula
ANP non-polymer 'PHOSPHOAMINOPHOSPHONIC ACID-ADENYLATE ESTER' 'C10 H17 N6 O12 P3'
GOL non-polymer GLYCEROL 'C3 H8 O3'
HFG non-polymer 7-bromo-6-chloro-3-{3-[(2R,3S)-3-hydroxypiperidin-2-yl]-2-oxopropyl}quinazolin-4(3H)-one 'C16 H17 Br Cl N3 O3'
MG non-polymer 'MAGNESIUM ION' 'Mg 2'
PO4 non-polymer 'PHOSPHATE ION' 'O4 P -3'
#
# COMPACT_ATOMS: atom_id res chain seq x y z
N MET A 1 -8.23 -3.77 32.38
N MET A 1 -8.21 -3.80 32.42
CA MET A 1 -9.70 -3.70 32.10
CA MET A 1 -9.67 -3.72 32.12
C MET A 1 -10.33 -5.06 32.30
C MET A 1 -10.33 -5.07 32.29
N LYS A 2 -11.52 -5.08 32.90
CA LYS A 2 -12.32 -6.29 32.99
C LYS A 2 -13.04 -6.46 31.66
N GLN A 3 -12.89 -7.63 31.06
CA GLN A 3 -13.46 -7.93 29.73
C GLN A 3 -14.99 -7.83 29.69
N SER A 4 -15.65 -8.05 30.82
CA SER A 4 -17.11 -7.81 30.94
C SER A 4 -17.51 -6.37 30.62
N LYS A 5 -16.59 -5.41 30.74
CA LYS A 5 -16.84 -4.00 30.43
C LYS A 5 -16.24 -3.50 29.09
N VAL A 6 -15.65 -4.40 28.31
CA VAL A 6 -15.03 -4.05 27.03
C VAL A 6 -15.84 -4.66 25.90
N PHE A 7 -16.28 -3.82 24.96
CA PHE A 7 -17.03 -4.27 23.79
C PHE A 7 -16.12 -5.04 22.81
N ILE A 8 -16.31 -6.35 22.71
CA ILE A 8 -15.53 -7.20 21.81
C ILE A 8 -16.46 -8.19 21.12
N PRO A 9 -17.14 -7.76 20.03
CA PRO A 9 -18.16 -8.59 19.37
C PRO A 9 -17.55 -9.68 18.48
N THR A 10 -16.98 -10.69 19.12
CA THR A 10 -16.36 -11.82 18.43
CA THR A 10 -16.35 -11.79 18.39
C THR A 10 -17.40 -12.57 17.59
N MET A 11 -17.00 -13.05 16.41
CA MET A 11 -17.92 -13.73 15.49
C MET A 11 -17.67 -15.23 15.42
N ARG A 12 -18.75 -15.98 15.23
CA ARG A 12 -18.66 -17.41 14.95
C ARG A 12 -18.26 -17.63 13.49
N ASP A 13 -18.91 -16.91 12.57
CA ASP A 13 -18.73 -17.09 11.12
C ASP A 13 -18.40 -15.77 10.42
N VAL A 14 -17.39 -15.80 9.55
CA VAL A 14 -16.96 -14.63 8.76
C VAL A 14 -17.62 -14.69 7.38
N PRO A 15 -18.15 -13.55 6.86
CA PRO A 15 -18.82 -13.58 5.56
C PRO A 15 -17.88 -13.89 4.38
N SER A 16 -18.48 -14.43 3.31
CA SER A 16 -17.75 -14.82 2.09
C SER A 16 -17.02 -13.68 1.39
N GLU A 17 -17.62 -12.48 1.43
CA GLU A 17 -17.04 -11.29 0.78
C GLU A 17 -15.68 -10.84 1.33
N ALA A 18 -15.39 -11.13 2.60
CA ALA A 18 -14.10 -10.82 3.21
C ALA A 18 -13.03 -11.79 2.70
N GLU A 19 -12.04 -11.26 1.98
CA GLU A 19 -11.02 -12.08 1.27
C GLU A 19 -9.67 -12.09 1.96
N ALA A 20 -9.16 -10.89 2.28
CA ALA A 20 -7.87 -10.74 2.96
C ALA A 20 -7.92 -11.28 4.38
N GLN A 21 -6.88 -11.99 4.79
CA GLN A 21 -6.82 -12.58 6.13
C GLN A 21 -6.93 -11.54 7.25
N SER A 22 -6.28 -10.39 7.07
CA SER A 22 -6.34 -9.31 8.08
C SER A 22 -7.76 -8.79 8.24
N HIS A 23 -8.45 -8.60 7.12
CA HIS A 23 -9.85 -8.18 7.11
C HIS A 23 -10.74 -9.21 7.82
N ARG A 24 -10.57 -10.48 7.46
CA ARG A 24 -11.34 -11.57 8.07
C ARG A 24 -11.11 -11.64 9.59
N LEU A 25 -9.85 -11.53 10.01
CA LEU A 25 -9.49 -11.61 11.43
C LEU A 25 -9.91 -10.39 12.25
N LEU A 26 -9.80 -9.20 11.67
CA LEU A 26 -10.23 -7.97 12.37
C LEU A 26 -11.74 -7.96 12.61
N LEU A 27 -12.50 -8.51 11.66
CA LEU A 27 -13.93 -8.72 11.82
C LEU A 27 -14.21 -9.81 12.86
N LYS A 28 -13.61 -10.98 12.66
CA LYS A 28 -13.87 -12.15 13.53
C LYS A 28 -13.51 -11.91 15.00
N SER A 29 -12.42 -11.19 15.23
N SER A 29 -12.42 -11.19 15.23
CA SER A 29 -11.94 -10.89 16.58
CA SER A 29 -11.95 -10.89 16.59
C SER A 29 -12.67 -9.74 17.28
C SER A 29 -12.69 -9.74 17.28
N GLY A 30 -13.59 -9.06 16.58
CA GLY A 30 -14.37 -7.96 17.15
C GLY A 30 -13.58 -6.68 17.30
N LEU A 31 -12.71 -6.41 16.33
CA LEU A 31 -11.84 -5.23 16.36
C LEU A 31 -12.31 -4.08 15.47
N ILE A 32 -12.96 -4.39 14.35
CA ILE A 32 -13.55 -3.38 13.47
C ILE A 32 -14.98 -3.75 13.12
N LYS A 33 -15.75 -2.73 12.71
CA LYS A 33 -17.10 -2.95 12.19
C LYS A 33 -17.36 -2.00 11.04
N GLN A 34 -17.80 -2.56 9.90
CA GLN A 34 -18.10 -1.75 8.72
C GLN A 34 -19.39 -0.95 8.93
N SER A 35 -19.34 0.34 8.62
N SER A 35 -19.35 0.34 8.63
CA SER A 35 -20.51 1.20 8.60
CA SER A 35 -20.55 1.18 8.60
C SER A 35 -21.08 1.19 7.18
C SER A 35 -21.10 1.20 7.18
N THR A 36 -20.21 1.38 6.20
CA THR A 36 -20.55 1.18 4.78
C THR A 36 -19.27 0.92 3.97
N SER A 37 -19.39 0.79 2.65
CA SER A 37 -18.25 0.47 1.80
CA SER A 37 -18.25 0.47 1.79
C SER A 37 -17.05 1.39 2.08
N GLY A 38 -15.95 0.80 2.54
CA GLY A 38 -14.73 1.54 2.82
C GLY A 38 -14.73 2.41 4.07
N ILE A 39 -15.75 2.28 4.91
CA ILE A 39 -15.89 3.13 6.11
C ILE A 39 -16.12 2.23 7.32
N TYR A 40 -15.21 2.35 8.28
CA TYR A 40 -15.16 1.48 9.44
C TYR A 40 -15.12 2.25 10.74
N SER A 41 -15.64 1.60 11.78
CA SER A 41 -15.41 1.99 13.17
C SER A 41 -14.32 1.08 13.74
N TYR A 42 -13.44 1.69 14.51
CA TYR A 42 -12.39 0.98 15.22
C TYR A 42 -12.96 0.71 16.60
N LEU A 43 -13.16 -0.57 16.93
CA LEU A 43 -13.73 -0.98 18.21
C LEU A 43 -12.60 -0.97 19.28
N PRO A 44 -12.93 -1.23 20.55
CA PRO A 44 -11.97 -0.95 21.62
C PRO A 44 -10.55 -1.51 21.45
N LEU A 45 -10.43 -2.79 21.09
CA LEU A 45 -9.11 -3.39 20.91
C LEU A 45 -8.31 -2.77 19.76
N ALA A 46 -8.96 -2.49 18.63
CA ALA A 46 -8.28 -1.81 17.50
C ALA A 46 -7.82 -0.41 17.88
N THR A 47 -8.62 0.30 18.65
CA THR A 47 -8.28 1.66 19.07
C THR A 47 -7.02 1.65 19.94
N ARG A 48 -6.92 0.67 20.84
CA ARG A 48 -5.70 0.52 21.66
C ARG A 48 -4.46 0.22 20.79
N VAL A 49 -4.61 -0.64 19.79
CA VAL A 49 -3.51 -0.92 18.84
C VAL A 49 -3.13 0.36 18.09
N LEU A 50 -4.13 1.10 17.60
CA LEU A 50 -3.88 2.40 16.95
C LEU A 50 -3.12 3.37 17.86
N ASN A 51 -3.53 3.47 19.12
CA ASN A 51 -2.81 4.30 20.09
C ASN A 51 -1.35 3.86 20.31
N ASN A 52 -1.11 2.56 20.32
CA ASN A 52 0.26 2.03 20.41
C ASN A 52 1.09 2.35 19.18
N ILE A 53 0.49 2.23 18.00
CA ILE A 53 1.16 2.59 16.74
C ILE A 53 1.51 4.08 16.73
N THR A 54 0.55 4.93 17.08
CA THR A 54 0.76 6.38 17.00
C THR A 54 1.76 6.90 18.03
N ALA A 55 1.84 6.26 19.19
CA ALA A 55 2.87 6.55 20.19
C ALA A 55 4.29 6.27 19.67
N ILE A 56 4.48 5.14 18.99
CA ILE A 56 5.74 4.81 18.32
C ILE A 56 6.05 5.83 17.22
N VAL A 57 5.04 6.12 16.39
CA VAL A 57 5.17 7.13 15.33
C VAL A 57 5.63 8.49 15.91
N ARG A 58 5.00 8.92 17.00
CA ARG A 58 5.35 10.20 17.63
C ARG A 58 6.79 10.23 18.15
N GLN A 59 7.23 9.15 18.79
CA GLN A 59 8.63 9.04 19.24
C GLN A 59 9.62 9.19 18.09
N GLU A 60 9.36 8.48 17.00
CA GLU A 60 10.28 8.47 15.87
C GLU A 60 10.26 9.79 15.09
N MET A 61 9.10 10.44 15.04
CA MET A 61 9.03 11.80 14.46
C MET A 61 9.79 12.81 15.31
N GLU A 62 9.59 12.78 16.62
CA GLU A 62 10.32 13.71 17.50
C GLU A 62 11.84 13.52 17.42
N ARG A 63 12.27 12.27 17.27
CA ARG A 63 13.70 11.94 17.12
C ARG A 63 14.39 12.63 15.92
N ILE A 64 13.64 12.89 14.86
CA ILE A 64 14.18 13.59 13.68
C ILE A 64 13.67 15.03 13.54
N ASP A 65 13.18 15.61 14.63
CA ASP A 65 12.63 16.98 14.64
C ASP A 65 11.50 17.20 13.64
N SER A 66 10.64 16.19 13.49
CA SER A 66 9.40 16.33 12.73
C SER A 66 8.33 16.65 13.75
N VAL A 67 7.75 17.85 13.64
CA VAL A 67 6.95 18.45 14.72
C VAL A 67 5.44 18.31 14.47
N GLU A 68 4.71 17.76 15.45
CA GLU A 68 3.28 17.45 15.26
C GLU A 68 2.38 18.70 15.18
N ILE A 69 1.47 18.68 14.21
CA ILE A 69 0.39 19.65 14.08
C ILE A 69 -0.92 18.89 13.82
N LEU A 70 -2.03 19.60 13.73
CA LEU A 70 -3.29 18.99 13.30
C LEU A 70 -4.04 19.96 12.41
N MET A 71 -4.24 19.54 11.15
CA MET A 71 -4.86 20.37 10.14
C MET A 71 -6.28 19.88 9.88
N PRO A 72 -7.13 20.76 9.32
CA PRO A 72 -8.54 20.42 9.12
C PRO A 72 -8.80 19.49 7.93
N ALA A 73 -9.88 18.73 8.04
CA ALA A 73 -10.42 17.94 6.91
C ALA A 73 -11.16 18.84 5.92
N LEU A 74 -11.94 19.79 6.44
CA LEU A 74 -12.76 20.69 5.60
CA LEU A 74 -12.76 20.66 5.61
C LEU A 74 -11.89 21.79 5.01
N GLN A 75 -11.72 21.78 3.70
CA GLN A 75 -10.79 22.71 3.04
C GLN A 75 -11.45 23.46 1.90
N GLN A 76 -11.32 24.79 1.92
CA GLN A 76 -12.02 25.62 0.94
C GLN A 76 -11.51 25.33 -0.47
N ALA A 77 -12.44 25.25 -1.42
CA ALA A 77 -12.11 24.97 -2.83
C ALA A 77 -11.09 25.96 -3.41
N GLU A 78 -11.14 27.21 -2.95
CA GLU A 78 -10.23 28.28 -3.42
C GLU A 78 -8.76 27.89 -3.23
N LEU A 79 -8.46 27.18 -2.15
CA LEU A 79 -7.11 26.70 -1.88
C LEU A 79 -6.70 25.65 -2.91
N TRP A 80 -7.63 24.74 -3.22
CA TRP A 80 -7.40 23.70 -4.21
C TRP A 80 -7.36 24.26 -5.65
N GLU A 81 -8.02 25.39 -5.87
CA GLU A 81 -7.89 26.12 -7.14
C GLU A 81 -6.52 26.78 -7.32
N GLU A 82 -5.89 27.25 -6.23
CA GLU A 82 -4.55 27.84 -6.30
C GLU A 82 -3.52 26.86 -6.87
N SER A 83 -3.53 25.63 -6.37
CA SER A 83 -2.64 24.58 -6.82
C SER A 83 -3.02 24.00 -8.18
N GLY A 84 -4.31 24.10 -8.52
CA GLY A 84 -4.86 23.49 -9.73
C GLY A 84 -5.44 22.10 -9.51
N ARG A 85 -5.30 21.53 -8.33
CA ARG A 85 -5.79 20.17 -8.06
C ARG A 85 -7.32 20.06 -8.04
N TRP A 86 -8.02 21.14 -7.67
CA TRP A 86 -9.49 21.19 -7.71
C TRP A 86 -10.00 20.78 -9.10
N GLY A 87 -9.43 21.40 -10.13
CA GLY A 87 -9.77 21.11 -11.52
C GLY A 87 -9.15 19.85 -12.09
N ALA A 88 -7.92 19.53 -11.67
CA ALA A 88 -7.22 18.35 -12.18
C ALA A 88 -7.83 17.02 -11.75
N TYR A 89 -8.29 16.95 -10.51
CA TYR A 89 -8.88 15.72 -9.96
C TYR A 89 -10.38 15.64 -10.20
N GLY A 90 -10.88 14.40 -10.19
CA GLY A 90 -12.28 14.11 -10.44
C GLY A 90 -13.00 13.56 -9.21
N PRO A 91 -13.79 12.48 -9.37
CA PRO A 91 -14.66 12.04 -8.29
C PRO A 91 -13.97 11.49 -7.03
N GLU A 92 -12.70 11.09 -7.10
CA GLU A 92 -11.99 10.60 -5.91
C GLU A 92 -11.85 11.69 -4.85
N LEU A 93 -11.76 12.95 -5.28
CA LEU A 93 -11.78 14.09 -4.37
C LEU A 93 -13.23 14.32 -3.92
N MET A 94 -13.48 14.15 -2.62
CA MET A 94 -14.83 14.36 -2.09
C MET A 94 -15.08 15.83 -1.92
N ARG A 95 -16.25 16.29 -2.37
CA ARG A 95 -16.58 17.72 -2.40
C ARG A 95 -17.94 17.97 -1.75
N LEU A 96 -18.13 19.17 -1.24
CA LEU A 96 -19.40 19.56 -0.65
C LEU A 96 -19.58 21.08 -0.64
N GLN A 97 -20.78 21.51 -0.28
CA GLN A 97 -21.12 22.93 -0.14
C GLN A 97 -21.59 23.21 1.26
N ASP A 98 -21.19 24.34 1.82
CA ASP A 98 -21.75 24.79 3.10
C ASP A 98 -23.06 25.54 2.89
N ARG A 99 -23.66 26.01 3.99
CA ARG A 99 -24.96 26.67 3.97
C ARG A 99 -25.04 28.01 3.22
N HIS A 100 -23.89 28.58 2.86
CA HIS A 100 -23.80 29.79 2.04
C HIS A 100 -23.38 29.50 0.59
N GLY A 101 -23.42 28.22 0.20
CA GLY A 101 -23.04 27.82 -1.16
C GLY A 101 -21.54 27.78 -1.43
N ARG A 102 -20.71 27.95 -0.40
CA ARG A 102 -19.26 27.96 -0.58
C ARG A 102 -18.77 26.52 -0.71
N GLN A 103 -17.84 26.29 -1.63
CA GLN A 103 -17.42 24.94 -1.99
C GLN A 103 -16.20 24.50 -1.21
N PHE A 104 -16.18 23.21 -0.85
CA PHE A 104 -15.11 22.63 -0.05
C PHE A 104 -14.69 21.26 -0.57
N ALA A 105 -13.43 20.90 -0.30
CA ALA A 105 -12.97 19.52 -0.40
C ALA A 105 -12.81 18.95 0.99
N LEU A 106 -13.01 17.65 1.13
CA LEU A 106 -12.53 16.91 2.29
C LEU A 106 -11.11 16.46 1.95
N GLY A 107 -10.17 16.75 2.84
CA GLY A 107 -8.75 16.49 2.55
C GLY A 107 -8.40 15.04 2.23
N PRO A 108 -7.88 14.76 1.01
CA PRO A 108 -7.27 13.45 0.72
C PRO A 108 -5.78 13.38 1.09
N THR A 109 -5.24 14.55 1.39
CA THR A 109 -3.82 14.82 1.63
C THR A 109 -3.78 16.37 1.77
N HIS A 110 -2.66 16.92 2.24
CA HIS A 110 -2.68 18.29 2.80
C HIS A 110 -1.59 19.24 2.27
N GLU A 111 -1.12 19.03 1.03
CA GLU A 111 -0.06 19.88 0.46
C GLU A 111 -0.44 21.37 0.46
N GLU A 112 -1.66 21.67 0.03
CA GLU A 112 -2.13 23.06 -0.02
C GLU A 112 -2.34 23.65 1.36
N LEU A 113 -2.97 22.86 2.25
CA LEU A 113 -3.28 23.33 3.59
C LEU A 113 -1.98 23.70 4.31
N VAL A 114 -1.01 22.79 4.29
CA VAL A 114 0.26 23.02 4.97
C VAL A 114 1.06 24.19 4.35
N THR A 115 1.00 24.31 3.02
CA THR A 115 1.62 25.44 2.33
C THR A 115 0.98 26.77 2.77
N SER A 116 -0.35 26.78 2.89
CA SER A 116 -1.07 27.96 3.40
C SER A 116 -0.69 28.34 4.83
N ILE A 117 -0.36 27.34 5.65
CA ILE A 117 0.11 27.60 7.01
C ILE A 117 1.45 28.33 7.02
N VAL A 118 2.42 27.82 6.27
CA VAL A 118 3.81 28.31 6.38
C VAL A 118 4.11 29.54 5.50
N ARG A 119 3.29 29.79 4.48
CA ARG A 119 3.58 30.87 3.53
C ARG A 119 3.47 32.23 4.21
N ASN A 120 4.50 33.06 4.00
CA ASN A 120 4.66 34.35 4.69
C ASN A 120 4.87 34.24 6.20
N GLU A 121 5.22 33.04 6.68
CA GLU A 121 5.60 32.80 8.08
C GLU A 121 7.01 32.23 8.15
N LEU A 122 7.30 31.20 7.35
CA LEU A 122 8.67 30.82 7.05
C LEU A 122 9.20 31.82 6.00
N LYS A 123 9.65 32.97 6.49
CA LYS A 123 10.03 34.13 5.66
C LYS A 123 11.50 34.21 5.31
N SER A 124 12.37 33.62 6.15
CA SER A 124 13.82 33.72 5.97
C SER A 124 14.48 32.35 5.94
N TYR A 125 15.63 32.30 5.26
CA TYR A 125 16.51 31.11 5.26
C TYR A 125 16.95 30.71 6.67
N LYS A 126 17.04 31.70 7.57
CA LYS A 126 17.43 31.45 8.97
C LYS A 126 16.43 30.60 9.75
N GLN A 127 15.18 30.55 9.28
CA GLN A 127 14.13 29.71 9.89
C GLN A 127 14.06 28.27 9.37
N LEU A 128 14.86 27.94 8.35
CA LEU A 128 14.78 26.64 7.66
C LEU A 128 15.96 25.75 8.06
N PRO A 129 15.81 24.42 8.10
CA PRO A 129 14.60 23.70 7.70
C PRO A 129 13.51 23.58 8.78
N MET A 130 12.31 23.23 8.34
CA MET A 130 11.15 23.03 9.19
C MET A 130 10.39 21.80 8.71
N THR A 131 10.05 20.89 9.62
CA THR A 131 9.30 19.68 9.30
C THR A 131 8.08 19.58 10.20
N LEU A 132 6.91 19.40 9.59
CA LEU A 132 5.64 19.29 10.31
C LEU A 132 4.95 17.98 9.93
N PHE A 133 4.22 17.39 10.87
CA PHE A 133 3.43 16.20 10.55
C PHE A 133 2.15 16.17 11.34
N GLN A 134 1.17 15.44 10.82
CA GLN A 134 -0.07 15.17 11.54
C GLN A 134 -0.44 13.70 11.44
N ILE A 135 -1.31 13.27 12.34
CA ILE A 135 -1.98 11.97 12.27
C ILE A 135 -3.47 12.30 12.21
N GLN A 136 -4.07 12.05 11.06
CA GLN A 136 -5.35 12.64 10.75
C GLN A 136 -6.06 11.84 9.67
N SER A 137 -7.39 11.77 9.78
CA SER A 137 -8.17 10.95 8.86
C SER A 137 -8.37 11.67 7.53
N LYS A 138 -8.02 10.95 6.46
CA LYS A 138 -8.13 11.42 5.09
C LYS A 138 -9.37 10.83 4.43
N PHE A 139 -9.84 11.52 3.38
CA PHE A 139 -11.03 11.12 2.63
C PHE A 139 -10.67 10.97 1.16
N ARG A 140 -10.94 9.81 0.60
CA ARG A 140 -10.76 9.55 -0.83
C ARG A 140 -11.90 8.65 -1.29
N ASP A 141 -12.64 9.08 -2.30
CA ASP A 141 -13.77 8.30 -2.79
C ASP A 141 -13.24 7.26 -3.78
N GLU A 142 -12.62 6.23 -3.21
CA GLU A 142 -11.89 5.21 -3.97
C GLU A 142 -12.89 4.51 -4.89
N LYS A 143 -12.47 4.22 -6.11
CA LYS A 143 -13.34 3.55 -7.07
C LYS A 143 -13.71 2.14 -6.60
N ARG A 144 -12.76 1.45 -5.97
CA ARG A 144 -12.96 0.08 -5.50
C ARG A 144 -12.37 -0.12 -4.09
N PRO A 145 -13.09 0.35 -3.04
CA PRO A 145 -12.69 0.01 -1.68
C PRO A 145 -12.68 -1.50 -1.52
N ARG A 146 -11.69 -2.01 -0.79
CA ARG A 146 -11.52 -3.45 -0.66
C ARG A 146 -10.55 -3.80 0.44
N PHE A 147 -10.59 -5.07 0.83
CA PHE A 147 -9.69 -5.64 1.83
C PHE A 147 -9.70 -4.87 3.16
N GLY A 148 -10.90 -4.46 3.59
CA GLY A 148 -11.08 -3.80 4.88
C GLY A 148 -10.30 -2.51 5.01
N LEU A 149 -9.42 -2.46 5.99
CA LEU A 149 -8.61 -1.25 6.23
C LEU A 149 -7.50 -1.03 5.22
N LEU A 150 -7.19 -2.02 4.39
CA LEU A 150 -6.14 -1.84 3.37
C LEU A 150 -6.52 -0.78 2.32
N ARG A 151 -7.80 -0.68 1.96
CA ARG A 151 -8.26 0.41 1.09
C ARG A 151 -9.64 0.91 1.50
N GLY A 152 -9.63 1.89 2.40
CA GLY A 152 -10.84 2.56 2.84
C GLY A 152 -11.10 3.86 2.10
N ARG A 153 -12.27 4.43 2.36
CA ARG A 153 -12.62 5.77 1.86
C ARG A 153 -12.37 6.83 2.91
N GLU A 154 -12.50 6.47 4.19
CA GLU A 154 -12.04 7.31 5.29
C GLU A 154 -10.97 6.49 6.00
N PHE A 155 -9.75 7.01 6.08
CA PHE A 155 -8.63 6.24 6.63
C PHE A 155 -7.65 7.15 7.35
N ILE A 156 -6.88 6.58 8.27
CA ILE A 156 -5.91 7.35 9.06
C ILE A 156 -4.55 7.36 8.33
N MET A 157 -4.03 8.56 8.12
CA MET A 157 -2.68 8.74 7.57
C MET A 157 -1.85 9.60 8.49
N LYS A 158 -0.57 9.23 8.64
CA LYS A 158 0.45 10.13 9.17
C LYS A 158 1.10 10.79 7.97
N ASP A 159 0.85 12.08 7.78
CA ASP A 159 1.46 12.83 6.67
C ASP A 159 2.38 13.92 7.21
N ALA A 160 3.61 13.96 6.68
CA ALA A 160 4.62 14.95 7.06
C ALA A 160 5.03 15.78 5.85
N TYR A 161 5.45 17.01 6.13
CA TYR A 161 5.83 17.98 5.09
C TYR A 161 7.02 18.75 5.62
N SER A 162 8.07 18.87 4.80
CA SER A 162 9.29 19.55 5.21
C SER A 162 9.60 20.68 4.25
N PHE A 163 10.25 21.73 4.77
CA PHE A 163 10.48 22.97 4.04
C PHE A 163 11.95 23.36 4.14
N HIS A 164 12.53 23.76 3.02
CA HIS A 164 13.99 23.84 2.88
C HIS A 164 14.45 25.03 2.05
N ALA A 165 15.66 25.50 2.37
CA ALA A 165 16.30 26.60 1.63
C ALA A 165 17.02 26.12 0.37
N ASP A 166 17.43 24.85 0.33
CA ASP A 166 18.18 24.27 -0.78
C ASP A 166 17.96 22.75 -0.88
N GLU A 167 18.45 22.18 -1.98
CA GLU A 167 18.27 20.74 -2.27
C GLU A 167 19.02 19.81 -1.31
N ALA A 168 20.20 20.24 -0.85
CA ALA A 168 20.99 19.47 0.13
C ALA A 168 20.25 19.30 1.47
N SER A 169 19.56 20.34 1.92
CA SER A 169 18.74 20.28 3.13
C SER A 169 17.57 19.30 2.97
N LEU A 170 16.88 19.37 1.82
CA LEU A 170 15.82 18.40 1.48
C LEU A 170 16.34 16.98 1.50
N ASP A 171 17.49 16.75 0.86
CA ASP A 171 18.13 15.42 0.85
C ASP A 171 18.38 14.88 2.27
N GLN A 172 18.79 15.76 3.19
CA GLN A 172 19.03 15.35 4.58
C GLN A 172 17.75 14.89 5.29
N THR A 173 16.69 15.68 5.17
CA THR A 173 15.39 15.34 5.80
C THR A 173 14.76 14.11 5.16
N TYR A 174 14.86 14.00 3.84
CA TYR A 174 14.40 12.81 3.11
C TYR A 174 15.08 11.54 3.68
N GLN A 175 16.39 11.63 3.91
CA GLN A 175 17.12 10.53 4.54
C GLN A 175 16.69 10.27 5.98
N ASP A 176 16.48 11.35 6.75
CA ASP A 176 15.96 11.21 8.12
C ASP A 176 14.61 10.50 8.14
N MET A 177 13.70 10.90 7.25
CA MET A 177 12.37 10.28 7.16
C MET A 177 12.45 8.82 6.74
N TYR A 178 13.25 8.56 5.71
CA TYR A 178 13.52 7.20 5.23
C TYR A 178 13.93 6.31 6.40
N GLN A 179 14.92 6.78 7.15
CA GLN A 179 15.42 6.05 8.31
C GLN A 179 14.37 5.91 9.41
N ALA A 180 13.66 6.99 9.72
CA ALA A 180 12.56 6.97 10.71
C ALA A 180 11.46 5.98 10.33
N TYR A 181 11.09 5.97 9.05
CA TYR A 181 10.09 5.03 8.54
C TYR A 181 10.54 3.57 8.70
N SER A 182 11.81 3.28 8.37
CA SER A 182 12.35 1.94 8.59
C SER A 182 12.21 1.50 10.05
N ARG A 183 12.54 2.41 10.97
N ARG A 183 12.52 2.40 10.97
CA ARG A 183 12.41 2.17 12.41
CA ARG A 183 12.42 2.10 12.41
C ARG A 183 10.96 1.94 12.84
C ARG A 183 10.97 1.97 12.90
N ILE A 184 10.07 2.81 12.39
CA ILE A 184 8.63 2.70 12.72
C ILE A 184 8.09 1.33 12.32
N PHE A 185 8.32 0.92 11.08
CA PHE A 185 7.79 -0.37 10.61
C PHE A 185 8.39 -1.58 11.34
N GLU A 186 9.69 -1.56 11.60
CA GLU A 186 10.31 -2.64 12.38
C GLU A 186 9.74 -2.70 13.80
N ARG A 187 9.58 -1.54 14.43
CA ARG A 187 9.06 -1.48 15.80
C ARG A 187 7.64 -2.00 15.96
N VAL A 188 6.76 -1.73 14.98
CA VAL A 188 5.36 -2.19 15.03
C VAL A 188 5.15 -3.64 14.56
N GLY A 189 6.23 -4.32 14.16
CA GLY A 189 6.19 -5.74 13.81
C GLY A 189 5.94 -6.03 12.35
N ILE A 190 6.31 -5.07 11.48
CA ILE A 190 6.22 -5.23 10.04
C ILE A 190 7.60 -5.47 9.45
N ASN A 191 7.72 -6.51 8.63
CA ASN A 191 8.86 -6.73 7.75
C ASN A 191 8.62 -5.94 6.46
N ALA A 192 9.31 -4.81 6.32
CA ALA A 192 9.12 -3.92 5.16
C ALA A 192 10.42 -3.68 4.41
N ARG A 193 10.30 -3.35 3.14
CA ARG A 193 11.45 -2.99 2.31
C ARG A 193 11.15 -1.67 1.61
N PRO A 194 12.11 -0.72 1.66
CA PRO A 194 11.97 0.47 0.82
C PRO A 194 12.32 0.13 -0.62
N VAL A 195 11.50 0.61 -1.56
CA VAL A 195 11.71 0.33 -2.99
C VAL A 195 11.58 1.63 -3.78
N VAL A 196 12.35 1.73 -4.86
CA VAL A 196 12.27 2.89 -5.73
C VAL A 196 10.89 2.88 -6.38
N ALA A 197 10.21 4.02 -6.30
CA ALA A 197 8.87 4.17 -6.84
C ALA A 197 8.89 5.08 -8.06
N ASP A 198 7.79 5.05 -8.81
CA ASP A 198 7.63 5.92 -9.97
C ASP A 198 7.41 7.36 -9.52
N SER A 199 8.11 8.29 -10.15
CA SER A 199 8.03 9.72 -9.80
C SER A 199 6.85 10.46 -10.43
N GLY A 200 6.00 9.75 -11.19
CA GLY A 200 4.87 10.35 -11.89
C GLY A 200 5.21 10.57 -13.35
N ALA A 201 4.20 10.93 -14.15
CA ALA A 201 4.36 11.08 -15.60
C ALA A 201 5.36 12.17 -15.97
N ILE A 202 5.22 13.34 -15.35
CA ILE A 202 6.01 14.54 -15.72
C ILE A 202 7.32 14.68 -14.96
N GLY A 203 7.30 14.44 -13.65
CA GLY A 203 8.45 14.67 -12.78
C GLY A 203 9.49 13.57 -12.82
N GLY A 204 10.66 13.87 -12.28
CA GLY A 204 11.74 12.89 -12.11
C GLY A 204 12.36 12.92 -10.72
N SER A 205 11.58 13.35 -9.73
CA SER A 205 12.07 13.50 -8.36
C SER A 205 12.25 12.14 -7.69
N HIS A 206 13.11 12.11 -6.68
CA HIS A 206 13.40 10.88 -5.95
C HIS A 206 12.21 10.52 -5.06
N THR A 207 11.78 9.27 -5.14
CA THR A 207 10.76 8.73 -4.24
C THR A 207 10.96 7.25 -3.97
N HIS A 208 10.73 6.85 -2.72
CA HIS A 208 10.74 5.47 -2.29
C HIS A 208 9.40 5.13 -1.66
N GLU A 209 8.89 3.93 -1.94
CA GLU A 209 7.73 3.37 -1.24
C GLU A 209 8.22 2.35 -0.23
N PHE A 210 7.57 2.29 0.93
CA PHE A 210 7.82 1.23 1.90
C PHE A 210 6.79 0.14 1.71
N MET A 211 7.28 -1.07 1.43
CA MET A 211 6.43 -2.21 1.09
C MET A 211 6.46 -3.28 2.18
N ALA A 212 5.31 -3.53 2.81
CA ALA A 212 5.17 -4.63 3.75
C ALA A 212 5.09 -5.92 2.96
N LEU A 213 6.06 -6.81 3.15
CA LEU A 213 6.17 -8.04 2.36
C LEU A 213 5.08 -9.02 2.78
N SER A 214 4.15 -9.30 1.87
CA SER A 214 2.99 -10.15 2.16
C SER A 214 2.33 -10.62 0.87
N ALA A 215 1.84 -11.87 0.89
CA ALA A 215 1.22 -12.51 -0.26
C ALA A 215 -0.06 -11.83 -0.76
N ILE A 216 -0.80 -11.15 0.12
CA ILE A 216 -1.99 -10.37 -0.27
C ILE A 216 -1.61 -9.09 -1.03
N GLY A 217 -0.35 -8.67 -0.92
CA GLY A 217 0.16 -7.46 -1.55
C GLY A 217 -0.14 -7.33 -3.02
N GLU A 218 -0.70 -6.19 -3.42
CA GLU A 218 -1.04 -5.92 -4.81
C GLU A 218 0.10 -5.30 -5.62
N ASP A 219 1.17 -4.90 -4.93
CA ASP A 219 2.39 -4.44 -5.60
C ASP A 219 3.40 -5.59 -5.73
N THR A 220 4.17 -5.57 -6.80
CA THR A 220 5.26 -6.52 -7.01
C THR A 220 6.57 -5.75 -6.93
N ILE A 221 7.44 -6.19 -6.04
CA ILE A 221 8.78 -5.67 -5.87
C ILE A 221 9.71 -6.50 -6.73
N VAL A 222 10.51 -5.84 -7.57
CA VAL A 222 11.59 -6.48 -8.32
C VAL A 222 12.87 -6.25 -7.54
N TYR A 223 13.57 -7.32 -7.16
CA TYR A 223 14.81 -7.19 -6.38
C TYR A 223 15.96 -8.06 -6.87
N SER A 224 17.18 -7.61 -6.56
CA SER A 224 18.42 -8.30 -6.89
C SER A 224 18.92 -9.12 -5.69
N LYS A 225 19.57 -10.24 -5.98
CA LYS A 225 20.29 -11.02 -4.97
C LYS A 225 21.74 -10.55 -4.82
N GLU A 226 22.27 -9.90 -5.86
CA GLU A 226 23.67 -9.47 -5.89
C GLU A 226 23.90 -8.03 -5.40
N SER A 227 22.89 -7.17 -5.57
CA SER A 227 22.98 -5.75 -5.18
C SER A 227 21.81 -5.34 -4.28
N ASP A 228 21.78 -4.06 -3.91
CA ASP A 228 20.66 -3.48 -3.16
C ASP A 228 19.48 -3.03 -4.04
N TYR A 229 19.52 -3.35 -5.34
CA TYR A 229 18.45 -2.97 -6.27
C TYR A 229 17.08 -3.45 -5.81
N THR A 230 16.16 -2.52 -5.62
CA THR A 230 14.76 -2.81 -5.29
C THR A 230 13.89 -1.77 -5.97
N ALA A 231 12.99 -2.20 -6.84
CA ALA A 231 12.09 -1.30 -7.56
C ALA A 231 10.70 -1.87 -7.67
N ASN A 232 9.70 -0.99 -7.70
CA ASN A 232 8.34 -1.39 -8.04
C ASN A 232 8.38 -1.90 -9.48
N ILE A 233 7.66 -2.99 -9.75
CA ILE A 233 7.61 -3.56 -11.13
C ILE A 233 7.08 -2.55 -12.15
N GLU A 234 6.30 -1.57 -11.70
CA GLU A 234 5.87 -0.44 -12.56
C GLU A 234 7.03 0.41 -13.08
N LYS A 235 8.06 0.58 -12.24
CA LYS A 235 9.23 1.39 -12.53
C LYS A 235 10.37 0.61 -13.18
N ALA A 236 10.56 -0.66 -12.76
CA ALA A 236 11.74 -1.47 -13.12
C ALA A 236 12.02 -1.54 -14.62
N GLU A 237 13.13 -0.95 -15.05
CA GLU A 237 13.48 -0.86 -16.47
C GLU A 237 13.92 -2.21 -17.03
N VAL A 238 13.49 -2.50 -18.26
CA VAL A 238 13.95 -3.66 -19.02
C VAL A 238 14.94 -3.15 -20.07
N VAL A 239 16.20 -3.58 -19.96
CA VAL A 239 17.24 -3.24 -20.93
C VAL A 239 17.18 -4.26 -22.06
N TYR A 240 17.03 -3.77 -23.29
CA TYR A 240 16.97 -4.61 -24.48
C TYR A 240 18.35 -4.76 -25.11
N GLU A 241 18.79 -6.01 -25.24
CA GLU A 241 20.00 -6.34 -26.00
C GLU A 241 19.57 -7.35 -27.07
N PRO A 242 19.70 -6.96 -28.37
CA PRO A 242 19.20 -7.78 -29.49
C PRO A 242 19.51 -9.27 -29.43
N ASN A 243 18.50 -10.08 -29.71
CA ASN A 243 18.64 -11.53 -29.87
C ASN A 243 17.62 -11.99 -30.91
N HIS A 244 17.95 -11.77 -32.19
CA HIS A 244 17.00 -11.98 -33.29
C HIS A 244 16.65 -13.45 -33.51
N LYS A 245 15.37 -13.69 -33.78
CA LYS A 245 14.81 -15.01 -34.05
C LYS A 245 14.18 -15.02 -35.45
N HIS A 246 14.81 -14.29 -36.38
CA HIS A 246 14.23 -14.01 -37.70
C HIS A 246 14.30 -15.23 -38.62
N SER A 247 13.28 -15.41 -39.45
CA SER A 247 13.26 -16.42 -40.51
C SER A 247 13.06 -15.72 -41.87
N THR A 248 13.03 -16.51 -42.95
CA THR A 248 12.85 -15.99 -44.31
C THR A 248 11.51 -15.24 -44.43
N VAL A 249 11.56 -14.06 -45.03
CA VAL A 249 10.38 -13.19 -45.15
C VAL A 249 9.34 -13.84 -46.05
N GLN A 250 8.10 -13.90 -45.56
CA GLN A 250 6.99 -14.58 -46.23
C GLN A 250 5.92 -13.54 -46.62
N PRO A 251 5.04 -13.89 -47.57
CA PRO A 251 3.97 -12.94 -47.96
C PRO A 251 2.87 -12.85 -46.91
N LEU A 252 2.34 -11.65 -46.71
CA LEU A 252 1.24 -11.42 -45.76
C LEU A 252 0.02 -12.24 -46.16
N GLU A 253 -0.66 -12.81 -45.17
CA GLU A 253 -1.81 -13.68 -45.41
C GLU A 253 -2.85 -13.56 -44.29
N LYS A 254 -4.08 -13.23 -44.67
CA LYS A 254 -5.21 -13.23 -43.74
C LYS A 254 -5.73 -14.66 -43.59
N ILE A 255 -5.92 -15.10 -42.34
CA ILE A 255 -6.33 -16.46 -42.03
C ILE A 255 -7.58 -16.47 -41.15
N GLU A 256 -8.44 -17.47 -41.35
CA GLU A 256 -9.65 -17.64 -40.55
C GLU A 256 -9.29 -18.22 -39.18
N THR A 257 -9.79 -17.57 -38.12
CA THR A 257 -9.50 -17.96 -36.73
C THR A 257 -10.80 -17.94 -35.91
N PRO A 258 -11.71 -18.91 -36.16
CA PRO A 258 -13.00 -18.92 -35.47
C PRO A 258 -12.91 -19.23 -33.96
N ASN A 259 -13.63 -18.43 -33.17
CA ASN A 259 -13.67 -18.53 -31.70
C ASN A 259 -12.31 -18.30 -30.99
N VAL A 260 -11.42 -17.54 -31.65
CA VAL A 260 -10.09 -17.22 -31.10
C VAL A 260 -10.12 -15.78 -30.63
N LYS A 261 -10.06 -15.58 -29.31
CA LYS A 261 -10.06 -14.25 -28.69
C LYS A 261 -8.65 -13.81 -28.28
N THR A 262 -7.97 -14.64 -27.48
CA THR A 262 -6.72 -14.27 -26.83
C THR A 262 -5.49 -14.67 -27.63
N ALA A 263 -4.34 -14.10 -27.24
CA ALA A 263 -3.06 -14.42 -27.87
C ALA A 263 -2.69 -15.89 -27.70
N GLN A 264 -2.91 -16.44 -26.51
CA GLN A 264 -2.62 -17.86 -26.24
C GLN A 264 -3.55 -18.80 -27.03
N GLU A 265 -4.82 -18.43 -27.15
CA GLU A 265 -5.77 -19.18 -28.00
C GLU A 265 -5.34 -19.20 -29.47
N LEU A 266 -4.86 -18.05 -29.95
CA LEU A 266 -4.30 -17.94 -31.31
C LEU A 266 -3.03 -18.78 -31.47
N ALA A 267 -2.14 -18.72 -30.48
CA ALA A 267 -0.92 -19.54 -30.43
C ALA A 267 -1.23 -21.03 -30.54
N ASP A 268 -2.20 -21.48 -29.74
CA ASP A 268 -2.70 -22.87 -29.78
C ASP A 268 -3.34 -23.24 -31.13
N PHE A 269 -4.10 -22.30 -31.69
CA PHE A 269 -4.76 -22.51 -32.99
C PHE A 269 -3.76 -22.70 -34.13
N LEU A 270 -2.75 -21.82 -34.19
CA LEU A 270 -1.72 -21.87 -35.24
C LEU A 270 -0.57 -22.85 -34.96
N GLY A 271 -0.52 -23.39 -33.75
CA GLY A 271 0.55 -24.31 -33.36
C GLY A 271 1.90 -23.62 -33.26
N ARG A 272 1.88 -22.39 -32.75
CA ARG A 272 3.07 -21.58 -32.60
C ARG A 272 3.20 -21.20 -31.13
N PRO A 273 4.42 -20.86 -30.68
CA PRO A 273 4.55 -20.39 -29.30
C PRO A 273 4.00 -18.97 -29.17
N VAL A 274 3.46 -18.66 -27.99
CA VAL A 274 2.74 -17.39 -27.79
C VAL A 274 3.63 -16.15 -27.95
N ASP A 275 4.93 -16.28 -27.66
CA ASP A 275 5.88 -15.16 -27.81
C ASP A 275 6.03 -14.65 -29.24
N GLU A 276 5.75 -15.50 -30.24
CA GLU A 276 5.79 -15.10 -31.66
C GLU A 276 4.56 -14.32 -32.14
N ILE A 277 3.52 -14.25 -31.32
CA ILE A 277 2.35 -13.41 -31.58
C ILE A 277 2.60 -12.02 -31.00
N ALA A 278 2.23 -10.99 -31.75
CA ALA A 278 2.29 -9.61 -31.28
C ALA A 278 0.87 -9.12 -30.98
N LYS A 279 0.64 -8.67 -29.74
CA LYS A 279 -0.64 -8.11 -29.33
C LYS A 279 -0.67 -6.62 -29.63
N THR A 280 -1.84 -6.11 -30.01
CA THR A 280 -2.05 -4.70 -30.33
C THR A 280 -3.16 -4.13 -29.44
N MET A 281 -2.86 -3.04 -28.73
CA MET A 281 -3.85 -2.31 -27.93
C MET A 281 -3.92 -0.84 -28.38
N ILE A 282 -5.12 -0.26 -28.35
CA ILE A 282 -5.33 1.17 -28.70
C ILE A 282 -5.41 2.00 -27.43
N PHE A 283 -4.52 2.99 -27.31
CA PHE A 283 -4.55 3.96 -26.20
C PHE A 283 -4.89 5.36 -26.71
N LYS A 284 -5.45 6.17 -25.82
CA LYS A 284 -5.78 7.57 -26.07
C LYS A 284 -4.86 8.43 -25.22
N VAL A 285 -3.93 9.15 -25.88
CA VAL A 285 -2.87 9.91 -25.22
C VAL A 285 -3.01 11.39 -25.55
N ASP A 286 -3.43 12.19 -24.55
CA ASP A 286 -3.72 13.63 -24.72
C ASP A 286 -4.66 13.91 -25.90
N GLY A 287 -5.70 13.10 -26.03
CA GLY A 287 -6.69 13.23 -27.11
C GLY A 287 -6.41 12.42 -28.37
N GLU A 288 -5.14 12.07 -28.62
CA GLU A 288 -4.72 11.37 -29.85
C GLU A 288 -4.67 9.86 -29.64
N TYR A 289 -5.20 9.12 -30.61
CA TYR A 289 -5.20 7.67 -30.57
C TYR A 289 -3.86 7.12 -31.06
N ILE A 290 -3.33 6.13 -30.36
CA ILE A 290 -2.09 5.45 -30.74
C ILE A 290 -2.26 3.95 -30.65
N MET A 291 -1.28 3.22 -31.20
CA MET A 291 -1.21 1.76 -31.08
C MET A 291 0.07 1.39 -30.34
N VAL A 292 -0.04 0.42 -29.43
CA VAL A 292 1.12 -0.12 -28.73
C VAL A 292 1.18 -1.63 -28.98
N LEU A 293 2.34 -2.09 -29.46
CA LEU A 293 2.58 -3.50 -29.76
C LEU A 293 3.49 -4.14 -28.71
N VAL A 294 3.09 -5.31 -28.22
CA VAL A 294 3.92 -6.12 -27.34
C VAL A 294 3.80 -7.59 -27.74
N ARG A 295 4.83 -8.38 -27.47
CA ARG A 295 4.78 -9.81 -27.76
C ARG A 295 3.84 -10.56 -26.81
N GLY A 296 3.38 -11.73 -27.27
CA GLY A 296 2.28 -12.47 -26.63
C GLY A 296 2.51 -12.94 -25.21
N HIS A 297 3.76 -13.20 -24.88
CA HIS A 297 4.21 -13.48 -23.50
C HIS A 297 4.53 -12.26 -22.62
N HIS A 298 4.30 -11.06 -23.15
CA HIS A 298 4.50 -9.81 -22.40
C HIS A 298 3.17 -9.07 -22.20
N GLU A 299 3.20 -8.07 -21.32
CA GLU A 299 2.03 -7.23 -21.03
C GLU A 299 2.42 -5.76 -21.00
N ILE A 300 1.52 -4.89 -21.46
CA ILE A 300 1.77 -3.45 -21.51
C ILE A 300 1.77 -2.85 -20.10
N ASN A 301 2.73 -1.96 -19.84
CA ASN A 301 2.90 -1.24 -18.57
C ASN A 301 2.52 0.22 -18.81
N ASP A 302 1.30 0.59 -18.41
N ASP A 302 1.32 0.63 -18.42
CA ASP A 302 0.76 1.95 -18.56
CA ASP A 302 0.84 1.99 -18.67
C ASP A 302 1.58 3.05 -17.85
C ASP A 302 1.56 3.07 -17.84
N ILE A 303 2.19 2.69 -16.73
CA ILE A 303 3.03 3.62 -15.94
C ILE A 303 4.28 4.03 -16.72
N LYS A 304 4.87 3.06 -17.43
CA LYS A 304 5.97 3.36 -18.36
C LYS A 304 5.50 4.20 -19.55
N LEU A 305 4.31 3.90 -20.09
CA LEU A 305 3.73 4.70 -21.18
C LEU A 305 3.54 6.16 -20.74
N LYS A 306 2.93 6.36 -19.58
CA LYS A 306 2.73 7.70 -19.01
C LYS A 306 4.03 8.47 -18.83
N SER A 307 5.05 7.79 -18.30
CA SER A 307 6.37 8.40 -18.13
C SER A 307 7.08 8.65 -19.47
N TYR A 308 6.88 7.75 -20.43
CA TYR A 308 7.46 7.89 -21.77
C TYR A 308 6.89 9.09 -22.51
N PHE A 309 5.55 9.16 -22.58
CA PHE A 309 4.87 10.28 -23.23
C PHE A 309 4.88 11.57 -22.40
N GLY A 310 5.10 11.44 -21.08
CA GLY A 310 5.15 12.59 -20.19
C GLY A 310 3.79 13.21 -19.90
N THR A 311 2.77 12.35 -19.81
CA THR A 311 1.41 12.78 -19.48
C THR A 311 0.66 11.70 -18.69
N ASP A 312 -0.17 12.14 -17.75
CA ASP A 312 -1.06 11.26 -16.99
C ASP A 312 -2.36 10.91 -17.73
N ASN A 313 -2.71 11.69 -18.76
CA ASN A 313 -3.92 11.45 -19.54
C ASN A 313 -3.71 10.39 -20.61
N ILE A 314 -3.55 9.14 -20.16
CA ILE A 314 -3.47 7.96 -21.01
C ILE A 314 -4.50 6.96 -20.50
N GLU A 315 -5.32 6.45 -21.41
CA GLU A 315 -6.32 5.43 -21.10
C GLU A 315 -6.60 4.60 -22.34
N LEU A 316 -7.06 3.37 -22.13
CA LEU A 316 -7.46 2.51 -23.24
C LEU A 316 -8.65 3.12 -23.96
N ALA A 317 -8.69 2.97 -25.28
CA ALA A 317 -9.82 3.41 -26.08
C ALA A 317 -11.02 2.52 -25.79
N THR A 318 -12.19 3.13 -25.67
CA THR A 318 -13.43 2.40 -25.35
C THR A 318 -13.91 1.59 -26.56
N GLN A 319 -14.88 0.71 -26.32
CA GLN A 319 -15.47 -0.13 -27.37
C GLN A 319 -15.95 0.69 -28.56
N ASP A 320 -16.71 1.75 -28.27
CA ASP A 320 -17.21 2.67 -29.31
C ASP A 320 -16.11 3.45 -30.03
N GLU A 321 -15.13 3.93 -29.26
CA GLU A 321 -13.97 4.65 -29.83
C GLU A 321 -13.12 3.77 -30.76
N ILE A 322 -13.00 2.49 -30.44
CA ILE A 322 -12.30 1.51 -31.30
C ILE A 322 -13.05 1.29 -32.62
N VAL A 323 -14.38 1.20 -32.57
CA VAL A 323 -15.20 0.97 -33.78
C VAL A 323 -15.12 2.18 -34.72
N ASN A 324 -15.26 3.39 -34.16
CA ASN A 324 -15.14 4.63 -34.94
C ASN A 324 -13.75 4.83 -35.57
N LEU A 325 -12.72 4.30 -34.94
CA LEU A 325 -11.35 4.37 -35.47
C LEU A 325 -11.09 3.29 -36.52
N VAL A 326 -11.39 2.03 -36.17
CA VAL A 326 -11.25 0.89 -37.07
C VAL A 326 -12.57 0.11 -37.19
N GLY A 331 -12.91 -7.26 -34.18
CA GLY A 331 -12.46 -8.28 -33.24
C GLY A 331 -11.08 -7.99 -32.67
N SER A 332 -10.12 -8.87 -32.96
CA SER A 332 -8.73 -8.67 -32.54
C SER A 332 -8.08 -7.58 -33.39
N LEU A 333 -7.44 -6.62 -32.72
CA LEU A 333 -6.87 -5.44 -33.39
C LEU A 333 -5.46 -5.73 -33.90
N GLY A 334 -5.03 -4.94 -34.89
CA GLY A 334 -3.69 -5.08 -35.49
C GLY A 334 -3.18 -3.79 -36.13
N PRO A 335 -1.87 -3.74 -36.42
CA PRO A 335 -1.22 -2.53 -36.93
C PRO A 335 -1.43 -2.23 -38.43
N VAL A 336 -1.82 -3.21 -39.22
CA VAL A 336 -2.02 -3.02 -40.66
C VAL A 336 -3.39 -2.37 -40.89
N ILE A 337 -3.39 -1.06 -41.06
CA ILE A 337 -4.61 -0.28 -41.30
C ILE A 337 -4.29 0.99 -42.09
N ASP A 338 -5.16 1.34 -43.04
CA ASP A 338 -4.98 2.54 -43.87
C ASP A 338 -5.53 3.77 -43.14
N LYS A 339 -4.71 4.30 -42.22
CA LYS A 339 -5.10 5.46 -41.41
C LYS A 339 -3.88 6.12 -40.75
N GLU A 340 -3.98 7.42 -40.53
CA GLU A 340 -2.93 8.19 -39.87
C GLU A 340 -2.97 7.94 -38.36
N ILE A 341 -2.21 6.95 -37.91
CA ILE A 341 -2.12 6.60 -36.49
C ILE A 341 -0.68 6.20 -36.13
N LYS A 342 -0.17 6.73 -35.03
CA LYS A 342 1.20 6.44 -34.58
C LYS A 342 1.25 5.06 -33.94
N ILE A 343 2.18 4.23 -34.41
CA ILE A 343 2.36 2.87 -33.90
C ILE A 343 3.66 2.81 -33.10
N TYR A 344 3.53 2.41 -31.83
CA TYR A 344 4.68 2.21 -30.94
C TYR A 344 4.79 0.72 -30.64
N ALA A 345 6.02 0.22 -30.55
CA ALA A 345 6.26 -1.20 -30.30
C ALA A 345 7.28 -1.38 -29.18
N ASP A 346 7.05 -2.37 -28.32
CA ASP A 346 8.04 -2.71 -27.30
C ASP A 346 9.31 -3.20 -27.99
N ASN A 347 10.47 -2.88 -27.40
CA ASN A 347 11.77 -3.21 -27.96
C ASN A 347 11.93 -4.68 -28.39
N PHE A 348 11.34 -5.60 -27.61
CA PHE A 348 11.50 -7.04 -27.85
C PHE A 348 10.74 -7.57 -29.08
N VAL A 349 9.84 -6.77 -29.64
CA VAL A 349 9.20 -7.06 -30.95
C VAL A 349 10.24 -7.13 -32.09
N GLN A 350 11.35 -6.38 -31.95
CA GLN A 350 12.44 -6.39 -32.94
C GLN A 350 13.16 -7.74 -33.08
N ASP A 351 13.06 -8.60 -32.07
CA ASP A 351 13.58 -9.97 -32.15
C ASP A 351 12.80 -10.88 -33.11
N LEU A 352 11.61 -10.45 -33.53
CA LEU A 352 10.79 -11.22 -34.47
C LEU A 352 10.67 -10.58 -35.86
N ASN A 353 10.41 -11.43 -36.85
N ASN A 353 10.40 -11.44 -36.83
CA ASN A 353 9.80 -10.99 -38.09
CA ASN A 353 9.90 -11.08 -38.16
C ASN A 353 8.67 -11.96 -38.41
C ASN A 353 8.67 -11.97 -38.42
N ASN A 354 7.94 -11.70 -39.50
CA ASN A 354 6.75 -12.49 -39.87
C ASN A 354 5.74 -12.54 -38.72
N LEU A 355 5.33 -11.35 -38.29
CA LEU A 355 4.48 -11.18 -37.10
C LEU A 355 3.10 -11.78 -37.31
N VAL A 356 2.53 -12.30 -36.22
CA VAL A 356 1.13 -12.72 -36.17
C VAL A 356 0.39 -11.64 -35.40
N VAL A 357 -0.59 -11.02 -36.06
CA VAL A 357 -1.34 -9.89 -35.50
C VAL A 357 -2.83 -9.99 -35.86
N GLY A 358 -3.64 -9.16 -35.24
CA GLY A 358 -5.05 -9.04 -35.59
C GLY A 358 -5.24 -8.47 -36.98
N ALA A 359 -6.42 -8.72 -37.56
CA ALA A 359 -6.75 -8.27 -38.91
C ALA A 359 -7.71 -7.08 -38.94
N ASN A 360 -8.08 -6.55 -37.78
CA ASN A 360 -9.12 -5.53 -37.65
C ASN A 360 -10.44 -5.97 -38.31
N GLU A 361 -10.77 -7.24 -38.12
CA GLU A 361 -11.94 -7.87 -38.72
C GLU A 361 -12.24 -9.13 -37.91
N ASP A 362 -13.42 -9.21 -37.30
CA ASP A 362 -13.77 -10.31 -36.40
C ASP A 362 -13.72 -11.67 -37.11
N GLY A 363 -13.14 -12.66 -36.44
CA GLY A 363 -12.95 -14.00 -36.99
C GLY A 363 -11.67 -14.21 -37.80
N TYR A 364 -10.83 -13.17 -37.91
CA TYR A 364 -9.63 -13.21 -38.75
C TYR A 364 -8.39 -12.69 -38.01
N HIS A 365 -7.23 -13.19 -38.44
CA HIS A 365 -5.92 -12.65 -38.04
C HIS A 365 -5.00 -12.63 -39.25
N LEU A 366 -3.92 -11.84 -39.16
CA LEU A 366 -2.89 -11.81 -40.19
C LEU A 366 -1.67 -12.59 -39.71
N ILE A 367 -1.02 -13.27 -40.65
CA ILE A 367 0.27 -13.92 -40.42
C ILE A 367 1.30 -13.37 -41.41
N ASN A 368 2.57 -13.60 -41.11
CA ASN A 368 3.70 -13.15 -41.94
C ASN A 368 3.68 -11.65 -42.24
N VAL A 369 3.37 -10.86 -41.20
CA VAL A 369 3.35 -9.40 -41.28
C VAL A 369 4.74 -8.90 -40.92
N ASN A 370 5.27 -7.96 -41.70
CA ASN A 370 6.64 -7.47 -41.52
C ASN A 370 6.72 -5.95 -41.46
N VAL A 371 7.55 -5.43 -40.55
CA VAL A 371 7.75 -3.99 -40.38
C VAL A 371 8.53 -3.41 -41.56
N GLY A 372 8.14 -2.21 -41.98
CA GLY A 372 8.69 -1.56 -43.17
C GLY A 372 7.85 -1.81 -44.41
N ARG A 373 7.54 -3.09 -44.67
CA ARG A 373 6.74 -3.50 -45.82
C ARG A 373 5.24 -3.28 -45.58
N ASP A 374 4.70 -3.93 -44.55
CA ASP A 374 3.26 -3.94 -44.28
C ASP A 374 2.79 -2.80 -43.39
N PHE A 375 3.61 -2.45 -42.39
CA PHE A 375 3.37 -1.28 -41.54
C PHE A 375 4.70 -0.71 -41.03
N ASN A 376 4.64 0.51 -40.49
CA ASN A 376 5.80 1.17 -39.91
C ASN A 376 5.64 1.35 -38.40
N VAL A 377 6.74 1.17 -37.67
CA VAL A 377 6.80 1.49 -36.24
C VAL A 377 7.41 2.88 -36.13
N ASP A 378 6.69 3.81 -35.50
CA ASP A 378 7.18 5.17 -35.32
C ASP A 378 8.32 5.24 -34.32
N GLU A 379 8.13 4.63 -33.14
CA GLU A 379 9.18 4.55 -32.11
C GLU A 379 9.15 3.21 -31.38
N TYR A 380 10.34 2.71 -31.03
CA TYR A 380 10.49 1.57 -30.13
C TYR A 380 10.83 2.05 -28.72
N GLY A 381 10.54 1.22 -27.72
CA GLY A 381 10.84 1.58 -26.33
C GLY A 381 10.49 0.50 -25.32
N ASP A 382 10.70 0.81 -24.04
CA ASP A 382 10.38 -0.09 -22.95
C ASP A 382 8.95 0.21 -22.49
N PHE A 383 8.00 -0.60 -22.97
CA PHE A 383 6.57 -0.40 -22.70
C PHE A 383 5.92 -1.55 -21.94
N ARG A 384 6.73 -2.43 -21.34
CA ARG A 384 6.21 -3.66 -20.70
C ARG A 384 6.72 -3.85 -19.28
N PHE A 385 6.19 -4.89 -18.62
CA PHE A 385 6.70 -5.32 -17.33
C PHE A 385 7.88 -6.29 -17.55
N ILE A 386 8.88 -6.18 -16.68
CA ILE A 386 9.97 -7.16 -16.64
C ILE A 386 9.39 -8.51 -16.22
N LEU A 387 9.99 -9.59 -16.69
CA LEU A 387 9.63 -10.94 -16.25
C LEU A 387 10.66 -11.45 -15.26
N GLU A 388 10.25 -12.39 -14.42
CA GLU A 388 11.13 -13.00 -13.43
C GLU A 388 12.13 -13.90 -14.15
N GLY A 389 13.43 -13.69 -13.89
CA GLY A 389 14.48 -14.38 -14.63
C GLY A 389 15.32 -13.48 -15.53
N GLU A 390 14.76 -12.34 -15.94
CA GLU A 390 15.45 -11.40 -16.83
C GLU A 390 16.51 -10.57 -16.09
N LYS A 391 17.48 -10.06 -16.86
CA LYS A 391 18.59 -9.28 -16.30
C LYS A 391 18.13 -7.88 -15.88
N LEU A 392 18.62 -7.42 -14.73
CA LEU A 392 18.19 -6.14 -14.16
C LEU A 392 18.88 -4.95 -14.81
N SER A 393 18.29 -3.78 -14.61
N SER A 393 18.30 -3.77 -14.61
CA SER A 393 18.75 -2.52 -15.21
CA SER A 393 18.77 -2.54 -15.25
C SER A 393 20.16 -2.12 -14.79
C SER A 393 20.16 -2.09 -14.79
N ASP A 394 20.51 -2.37 -13.52
CA ASP A 394 21.84 -2.06 -12.99
C ASP A 394 22.95 -3.06 -13.37
N GLY A 395 22.57 -4.19 -13.97
CA GLY A 395 23.52 -5.21 -14.41
C GLY A 395 24.04 -6.12 -13.30
N SER A 396 23.38 -6.10 -12.14
CA SER A 396 23.81 -6.86 -10.97
C SER A 396 23.48 -8.34 -11.09
N GLY A 397 22.33 -8.66 -11.67
CA GLY A 397 21.93 -10.04 -11.89
C GLY A 397 20.50 -10.23 -12.36
N VAL A 398 19.86 -11.29 -11.87
CA VAL A 398 18.53 -11.74 -12.31
C VAL A 398 17.41 -11.12 -11.47
N ALA A 399 16.28 -10.82 -12.10
CA ALA A 399 15.10 -10.27 -11.42
C ALA A 399 14.34 -11.34 -10.63
N HIS A 400 14.05 -11.04 -9.36
CA HIS A 400 13.16 -11.85 -8.52
C HIS A 400 11.99 -11.00 -8.08
N PHE A 401 10.85 -11.63 -7.84
CA PHE A 401 9.61 -10.94 -7.48
C PHE A 401 9.25 -11.24 -6.04
N ALA A 402 8.76 -10.24 -5.32
CA ALA A 402 8.10 -10.42 -4.03
C ALA A 402 6.88 -9.51 -4.00
N GLU A 403 5.81 -9.96 -3.35
CA GLU A 403 4.56 -9.20 -3.31
C GLU A 403 4.57 -8.29 -2.09
N GLY A 404 3.96 -7.11 -2.21
CA GLY A 404 4.03 -6.10 -1.15
C GLY A 404 2.82 -5.22 -1.02
N ILE A 405 2.58 -4.75 0.21
CA ILE A 405 1.54 -3.79 0.53
C ILE A 405 2.24 -2.45 0.76
N GLU A 406 1.84 -1.43 0.00
CA GLU A 406 2.42 -0.09 0.16
C GLU A 406 1.93 0.54 1.46
N VAL A 407 2.79 0.56 2.47
CA VAL A 407 2.45 1.13 3.79
C VAL A 407 2.94 2.57 4.00
N GLY A 408 3.84 3.04 3.13
CA GLY A 408 4.27 4.44 3.18
C GLY A 408 5.02 4.89 1.95
N GLN A 409 5.23 6.20 1.88
CA GLN A 409 6.02 6.80 0.80
C GLN A 409 6.75 8.05 1.27
N VAL A 410 7.94 8.27 0.70
CA VAL A 410 8.72 9.49 0.90
C VAL A 410 8.94 10.09 -0.49
N PHE A 411 8.86 11.42 -0.60
CA PHE A 411 8.81 12.10 -1.91
CA PHE A 411 8.80 12.10 -1.90
C PHE A 411 9.47 13.48 -1.85
N LYS A 412 10.41 13.72 -2.77
CA LYS A 412 11.05 15.02 -2.92
C LYS A 412 10.16 15.86 -3.83
N LEU A 413 9.29 16.64 -3.21
CA LEU A 413 8.24 17.39 -3.91
C LEU A 413 8.77 18.59 -4.69
N GLY A 414 9.75 19.29 -4.13
CA GLY A 414 10.32 20.48 -4.77
C GLY A 414 9.44 21.69 -4.58
N THR A 415 9.35 22.53 -5.61
CA THR A 415 8.71 23.85 -5.52
C THR A 415 7.32 23.97 -6.15
N LYS A 416 6.71 22.84 -6.52
CA LYS A 416 5.42 22.85 -7.23
C LYS A 416 4.35 23.72 -6.53
N TYR A 417 4.13 23.46 -5.25
CA TYR A 417 3.10 24.16 -4.48
C TYR A 417 3.54 25.55 -4.06
N SER A 418 4.81 25.71 -3.73
CA SER A 418 5.33 27.01 -3.30
C SER A 418 5.33 28.03 -4.45
N GLU A 419 5.55 27.56 -5.68
CA GLU A 419 5.45 28.40 -6.88
C GLU A 419 3.99 28.81 -7.14
N SER A 420 3.10 27.82 -7.20
CA SER A 420 1.69 28.07 -7.52
C SER A 420 0.95 28.85 -6.45
N MET A 421 1.33 28.64 -5.18
CA MET A 421 0.68 29.31 -4.04
C MET A 421 1.53 30.44 -3.42
N ASN A 422 2.60 30.83 -4.11
CA ASN A 422 3.45 31.95 -3.71
C ASN A 422 3.94 31.87 -2.26
N ALA A 423 4.65 30.79 -1.95
CA ALA A 423 5.24 30.59 -0.64
C ALA A 423 6.76 30.74 -0.77
N THR A 424 7.25 31.94 -0.46
CA THR A 424 8.65 32.28 -0.65
C THR A 424 9.36 32.67 0.63
N PHE A 425 10.68 32.50 0.62
CA PHE A 425 11.56 32.91 1.71
C PHE A 425 12.71 33.74 1.10
N LEU A 426 13.33 34.59 1.92
CA LEU A 426 14.52 35.35 1.50
C LEU A 426 15.77 34.51 1.76
N ASP A 427 16.55 34.24 0.72
CA ASP A 427 17.76 33.39 0.81
C ASP A 427 18.97 34.12 1.45
N ASN A 428 20.14 33.48 1.44
CA ASN A 428 21.41 34.07 1.91
C ASN A 428 21.71 35.46 1.33
N GLN A 429 21.41 35.64 0.04
CA GLN A 429 21.68 36.88 -0.69
C GLN A 429 20.48 37.85 -0.76
N GLY A 430 19.49 37.65 0.11
CA GLY A 430 18.36 38.58 0.24
C GLY A 430 17.31 38.57 -0.84
N LYS A 431 17.31 37.56 -1.71
CA LYS A 431 16.34 37.45 -2.81
C LYS A 431 15.28 36.39 -2.53
N ALA A 432 14.06 36.62 -3.02
CA ALA A 432 12.93 35.72 -2.80
C ALA A 432 13.08 34.42 -3.59
N GLN A 433 12.88 33.29 -2.89
CA GLN A 433 12.96 31.96 -3.50
C GLN A 433 11.79 31.10 -3.01
N PRO A 434 11.22 30.25 -3.88
CA PRO A 434 10.14 29.36 -3.44
C PRO A 434 10.65 28.30 -2.47
N LEU A 435 9.86 28.01 -1.43
CA LEU A 435 10.21 26.97 -0.47
C LEU A 435 10.35 25.61 -1.17
N ILE A 436 11.46 24.93 -0.90
CA ILE A 436 11.69 23.58 -1.41
C ILE A 436 11.05 22.60 -0.42
N MET A 437 10.16 21.75 -0.93
CA MET A 437 9.32 20.91 -0.07
C MET A 437 9.60 19.42 -0.26
N GLY A 438 9.47 18.69 0.85
CA GLY A 438 9.38 17.23 0.84
C GLY A 438 8.05 16.84 1.46
N CYS A 439 7.50 15.70 1.05
CA CYS A 439 6.29 15.17 1.69
C CYS A 439 6.38 13.67 1.84
N TYR A 440 5.78 13.19 2.93
CA TYR A 440 6.03 11.85 3.43
C TYR A 440 4.76 11.36 4.09
N GLY A 441 4.48 10.07 3.96
CA GLY A 441 3.29 9.53 4.61
C GLY A 441 3.36 8.08 4.94
N ILE A 442 2.71 7.73 6.05
CA ILE A 442 2.44 6.36 6.44
C ILE A 442 0.94 6.17 6.58
N GLY A 443 0.43 5.11 5.96
CA GLY A 443 -0.95 4.70 6.17
C GLY A 443 -1.06 3.97 7.48
N ILE A 444 -1.65 4.63 8.47
CA ILE A 444 -1.70 4.09 9.83
C ILE A 444 -2.71 2.94 9.94
N SER A 445 -3.93 3.17 9.43
CA SER A 445 -4.94 2.12 9.45
C SER A 445 -4.58 0.98 8.47
N ARG A 446 -3.99 1.29 7.32
CA ARG A 446 -3.44 0.25 6.44
C ARG A 446 -2.34 -0.57 7.14
N THR A 447 -1.43 0.14 7.82
CA THR A 447 -0.37 -0.50 8.60
C THR A 447 -0.91 -1.42 9.69
N LEU A 448 -1.99 -1.02 10.37
CA LEU A 448 -2.64 -1.90 11.34
C LEU A 448 -3.02 -3.24 10.70
N SER A 449 -3.65 -3.20 9.52
CA SER A 449 -3.98 -4.42 8.78
C SER A 449 -2.75 -5.20 8.32
N ALA A 450 -1.71 -4.49 7.87
CA ALA A 450 -0.46 -5.13 7.46
C ALA A 450 0.22 -5.86 8.63
N ILE A 451 0.12 -5.30 9.83
CA ILE A 451 0.59 -5.96 11.06
C ILE A 451 -0.12 -7.30 11.23
N VAL A 452 -1.44 -7.30 11.08
CA VAL A 452 -2.25 -8.53 11.19
C VAL A 452 -1.88 -9.54 10.09
N GLU A 453 -1.73 -9.08 8.85
CA GLU A 453 -1.32 -9.96 7.73
C GLU A 453 -0.05 -10.74 8.04
N GLN A 454 0.92 -10.09 8.68
CA GLN A 454 2.21 -10.70 8.99
C GLN A 454 2.29 -11.34 10.38
N ASN A 455 1.26 -11.17 11.20
CA ASN A 455 1.26 -11.62 12.59
C ASN A 455 -0.06 -12.27 12.97
N HIS A 456 -0.26 -13.48 12.48
CA HIS A 456 -1.46 -14.27 12.76
C HIS A 456 -1.21 -15.75 12.48
N ASP A 457 -2.13 -16.59 12.98
CA ASP A 457 -2.18 -18.01 12.60
C ASP A 457 -3.63 -18.44 12.31
N ASP A 458 -3.87 -19.74 12.18
CA ASP A 458 -5.21 -20.25 11.89
C ASP A 458 -6.24 -20.00 13.00
N ASN A 459 -5.79 -19.78 14.22
CA ASN A 459 -6.66 -19.55 15.38
C ASN A 459 -6.89 -18.09 15.76
N GLY A 460 -6.17 -17.16 15.12
CA GLY A 460 -6.40 -15.73 15.36
C GLY A 460 -5.19 -14.86 15.13
N ILE A 461 -5.25 -13.66 15.69
CA ILE A 461 -4.16 -12.70 15.58
C ILE A 461 -3.09 -13.10 16.59
N VAL A 462 -1.84 -12.77 16.30
CA VAL A 462 -0.73 -12.93 17.24
C VAL A 462 0.01 -11.59 17.31
N TRP A 463 -0.50 -10.68 18.15
CA TRP A 463 0.03 -9.30 18.19
C TRP A 463 1.47 -9.24 18.67
N PRO A 464 2.33 -8.47 17.98
CA PRO A 464 3.63 -8.16 18.55
C PRO A 464 3.50 -7.40 19.88
N LYS A 465 4.44 -7.65 20.79
CA LYS A 465 4.50 -6.99 22.10
C LYS A 465 4.37 -5.46 22.02
N SER A 466 4.99 -4.86 21.01
CA SER A 466 5.00 -3.41 20.86
C SER A 466 3.61 -2.80 20.64
N VAL A 467 2.70 -3.53 20.02
CA VAL A 467 1.39 -2.98 19.66
C VAL A 467 0.17 -3.71 20.19
N THR A 468 0.35 -4.87 20.82
CA THR A 468 -0.77 -5.62 21.41
C THR A 468 -1.66 -4.70 22.27
N PRO A 469 -3.00 -4.84 22.15
CA PRO A 469 -3.88 -3.92 22.87
C PRO A 469 -3.82 -4.07 24.39
N PHE A 470 -3.56 -5.30 24.85
CA PHE A 470 -3.21 -5.57 26.23
C PHE A 470 -2.03 -6.54 26.25
N ASP A 471 -1.29 -6.53 27.35
CA ASP A 471 -0.08 -7.36 27.47
C ASP A 471 -0.40 -8.80 27.88
N LEU A 472 -1.31 -8.93 28.84
CA LEU A 472 -1.63 -10.23 29.45
C LEU A 472 -3.12 -10.48 29.41
N HIS A 473 -3.51 -11.71 29.07
CA HIS A 473 -4.89 -12.14 29.16
C HIS A 473 -5.07 -13.01 30.42
N LEU A 474 -5.75 -12.47 31.43
CA LEU A 474 -6.03 -13.18 32.67
C LEU A 474 -7.43 -13.79 32.55
N ILE A 475 -7.53 -15.12 32.68
CA ILE A 475 -8.77 -15.83 32.40
C ILE A 475 -9.13 -16.75 33.56
N SER A 476 -10.34 -16.59 34.11
CA SER A 476 -10.90 -17.52 35.10
C SER A 476 -11.77 -18.53 34.35
N ILE A 477 -11.57 -19.82 34.65
CA ILE A 477 -12.30 -20.89 33.96
C ILE A 477 -13.76 -20.92 34.41
N ASN A 478 -13.99 -20.89 35.72
CA ASN A 478 -15.32 -20.87 36.30
C ASN A 478 -15.38 -19.89 37.48
N PRO A 479 -15.77 -18.62 37.23
CA PRO A 479 -15.83 -17.64 38.31
C PRO A 479 -16.95 -17.84 39.34
N LYS A 480 -17.87 -18.78 39.12
CA LYS A 480 -18.80 -19.21 40.18
C LYS A 480 -18.06 -19.83 41.37
N LYS A 481 -16.91 -20.45 41.10
CA LYS A 481 -16.05 -21.00 42.15
C LYS A 481 -15.30 -19.87 42.84
N ASP A 482 -15.48 -19.75 44.16
CA ASP A 482 -14.91 -18.63 44.93
C ASP A 482 -13.38 -18.57 44.86
N ASP A 483 -12.72 -19.72 44.99
CA ASP A 483 -11.25 -19.78 44.92
C ASP A 483 -10.69 -19.25 43.58
N GLN A 484 -11.35 -19.58 42.48
CA GLN A 484 -10.93 -19.12 41.14
C GLN A 484 -11.15 -17.62 40.96
N ARG A 485 -12.37 -17.17 41.25
CA ARG A 485 -12.73 -15.75 41.15
C ARG A 485 -11.84 -14.90 42.03
N GLU A 486 -11.67 -15.31 43.29
CA GLU A 486 -10.86 -14.54 44.25
C GLU A 486 -9.37 -14.53 43.89
N LEU A 487 -8.84 -15.65 43.42
CA LEU A 487 -7.44 -15.68 42.99
C LEU A 487 -7.23 -14.78 41.78
N ALA A 488 -8.11 -14.91 40.79
CA ALA A 488 -8.06 -14.08 39.59
C ALA A 488 -8.22 -12.58 39.90
N ASP A 489 -9.13 -12.23 40.82
CA ASP A 489 -9.27 -10.84 41.28
C ASP A 489 -7.96 -10.32 41.87
N ALA A 490 -7.33 -11.13 42.70
CA ALA A 490 -6.05 -10.76 43.33
C ALA A 490 -4.92 -10.60 42.31
N LEU A 491 -4.81 -11.54 41.37
CA LEU A 491 -3.78 -11.46 40.33
C LEU A 491 -3.98 -10.26 39.40
N TYR A 492 -5.24 -9.92 39.12
CA TYR A 492 -5.54 -8.71 38.35
C TYR A 492 -4.96 -7.46 39.01
N ALA A 493 -5.25 -7.29 40.30
CA ALA A 493 -4.71 -6.18 41.09
C ALA A 493 -3.18 -6.18 41.14
N GLU A 494 -2.57 -7.36 41.22
CA GLU A 494 -1.11 -7.49 41.25
C GLU A 494 -0.47 -7.12 39.91
N PHE A 495 -1.04 -7.59 38.80
CA PHE A 495 -0.39 -7.46 37.49
C PHE A 495 -0.79 -6.24 36.66
N ASN A 496 -1.92 -5.60 37.00
CA ASN A 496 -2.43 -4.46 36.21
C ASN A 496 -1.79 -3.10 36.55
N THR A 497 -0.72 -3.09 37.34
CA THR A 497 0.09 -1.89 37.56
C THR A 497 1.26 -1.88 36.59
N LYS A 498 2.05 -2.95 36.58
CA LYS A 498 3.18 -3.10 35.65
C LYS A 498 2.75 -3.36 34.21
N PHE A 499 1.69 -4.16 34.04
CA PHE A 499 1.18 -4.54 32.72
C PHE A 499 -0.22 -4.00 32.51
N ASP A 500 -0.65 -4.00 31.25
CA ASP A 500 -2.06 -3.79 30.89
C ASP A 500 -2.69 -5.17 30.76
N VAL A 501 -3.57 -5.49 31.69
CA VAL A 501 -4.18 -6.81 31.76
C VAL A 501 -5.62 -6.73 31.28
N LEU A 502 -5.95 -7.58 30.31
CA LEU A 502 -7.34 -7.85 30.00
C LEU A 502 -7.74 -9.04 30.88
N TYR A 503 -8.70 -8.81 31.77
CA TYR A 503 -9.16 -9.83 32.71
C TYR A 503 -10.49 -10.38 32.25
N ASP A 504 -10.48 -11.60 31.72
CA ASP A 504 -11.73 -12.24 31.34
C ASP A 504 -12.45 -12.78 32.58
N ASP A 505 -13.21 -11.85 33.17
CA ASP A 505 -14.02 -12.09 34.36
C ASP A 505 -15.44 -12.57 34.04
N ARG A 506 -15.74 -12.82 32.77
CA ARG A 506 -17.12 -13.08 32.35
C ARG A 506 -17.64 -14.40 32.85
N GLN A 507 -18.96 -14.45 33.03
CA GLN A 507 -19.67 -15.70 33.29
C GLN A 507 -19.97 -16.32 31.93
N GLU A 508 -18.95 -16.97 31.38
CA GLU A 508 -19.01 -17.62 30.07
C GLU A 508 -18.26 -18.94 30.17
N ARG A 509 -18.67 -19.90 29.35
CA ARG A 509 -18.01 -21.22 29.29
C ARG A 509 -16.53 -21.07 28.94
N ALA A 510 -15.71 -21.95 29.50
CA ALA A 510 -14.26 -21.91 29.26
C ALA A 510 -13.89 -21.93 27.78
N GLY A 511 -14.60 -22.76 27.01
CA GLY A 511 -14.37 -22.92 25.58
C GLY A 511 -14.51 -21.63 24.78
N VAL A 512 -15.52 -20.83 25.10
CA VAL A 512 -15.71 -19.54 24.42
C VAL A 512 -14.66 -18.51 24.86
N LYS A 513 -14.28 -18.54 26.14
CA LYS A 513 -13.20 -17.67 26.65
C LYS A 513 -11.86 -17.93 25.93
N PHE A 514 -11.53 -19.20 25.75
CA PHE A 514 -10.29 -19.59 25.07
C PHE A 514 -10.33 -19.30 23.57
N ASN A 515 -11.47 -19.55 22.93
CA ASN A 515 -11.66 -19.21 21.53
C ASN A 515 -11.53 -17.69 21.32
N ASP A 516 -12.18 -16.92 22.17
CA ASP A 516 -12.07 -15.45 22.17
C ASP A 516 -10.63 -15.00 22.37
N ALA A 517 -9.94 -15.63 23.32
CA ALA A 517 -8.55 -15.34 23.61
C ALA A 517 -7.63 -15.63 22.42
N ASP A 518 -7.87 -16.74 21.71
CA ASP A 518 -7.07 -17.06 20.52
C ASP A 518 -7.22 -16.00 19.44
N LEU A 519 -8.47 -15.57 19.20
CA LEU A 519 -8.74 -14.50 18.23
C LEU A 519 -8.09 -13.19 18.60
N ILE A 520 -8.26 -12.80 19.86
CA ILE A 520 -7.78 -11.51 20.41
C ILE A 520 -6.26 -11.42 20.34
N GLY A 521 -5.57 -12.51 20.70
CA GLY A 521 -4.16 -12.66 20.39
C GLY A 521 -3.13 -11.96 21.24
N LEU A 522 -3.41 -11.81 22.53
CA LEU A 522 -2.45 -11.19 23.46
C LEU A 522 -1.29 -12.18 23.67
N PRO A 523 -0.04 -11.69 23.89
CA PRO A 523 1.11 -12.61 23.89
C PRO A 523 1.15 -13.66 25.00
N LEU A 524 0.68 -13.30 26.20
CA LEU A 524 0.71 -14.20 27.34
C LEU A 524 -0.64 -14.30 27.99
N ARG A 525 -0.96 -15.51 28.45
CA ARG A 525 -2.25 -15.84 29.01
C ARG A 525 -2.02 -16.49 30.37
N ILE A 526 -2.71 -16.00 31.39
CA ILE A 526 -2.67 -16.59 32.73
C ILE A 526 -4.05 -17.19 32.97
N VAL A 527 -4.12 -18.51 33.13
CA VAL A 527 -5.38 -19.22 33.30
C VAL A 527 -5.53 -19.66 34.77
N VAL A 528 -6.60 -19.18 35.42
CA VAL A 528 -6.93 -19.56 36.79
C VAL A 528 -8.05 -20.60 36.72
N GLY A 529 -7.77 -21.81 37.19
CA GLY A 529 -8.70 -22.94 37.07
C GLY A 529 -8.75 -23.81 38.31
N LYS A 530 -8.89 -25.12 38.10
CA LYS A 530 -9.08 -26.10 39.19
C LYS A 530 -8.02 -26.10 40.30
N ARG A 531 -6.79 -25.69 39.99
CA ARG A 531 -5.69 -25.68 40.98
C ARG A 531 -5.48 -24.33 41.67
N ALA A 532 -6.50 -23.47 41.65
CA ALA A 532 -6.44 -22.15 42.29
C ALA A 532 -6.28 -22.23 43.81
N SER A 533 -6.95 -23.19 44.43
CA SER A 533 -6.81 -23.47 45.88
C SER A 533 -5.36 -23.77 46.30
N GLU A 534 -4.60 -24.41 45.41
CA GLU A 534 -3.18 -24.68 45.62
C GLU A 534 -2.25 -23.51 45.27
N GLY A 535 -2.82 -22.37 44.85
CA GLY A 535 -2.03 -21.23 44.38
C GLY A 535 -1.29 -21.49 43.08
N ILE A 536 -1.86 -22.36 42.23
CA ILE A 536 -1.23 -22.73 40.96
C ILE A 536 -2.10 -22.27 39.80
N VAL A 537 -1.45 -21.70 38.79
CA VAL A 537 -2.11 -21.26 37.55
C VAL A 537 -1.35 -21.85 36.35
N GLU A 538 -1.93 -21.70 35.16
CA GLU A 538 -1.26 -22.07 33.92
C GLU A 538 -0.90 -20.81 33.12
N VAL A 539 0.33 -20.78 32.61
CA VAL A 539 0.81 -19.71 31.73
C VAL A 539 0.92 -20.28 30.32
N LYS A 540 0.29 -19.60 29.35
CA LYS A 540 0.28 -20.05 27.94
C LYS A 540 0.77 -18.94 27.02
N GLU A 541 1.66 -19.30 26.10
CA GLU A 541 2.20 -18.36 25.11
C GLU A 541 1.37 -18.45 23.84
N ARG A 542 0.90 -17.30 23.35
CA ARG A 542 0.06 -17.27 22.15
C ARG A 542 0.80 -17.70 20.88
N LEU A 543 2.06 -17.29 20.75
CA LEU A 543 2.86 -17.57 19.54
C LEU A 543 3.13 -19.06 19.37
N THR A 544 3.69 -19.67 20.41
CA THR A 544 4.12 -21.08 20.36
C THR A 544 3.02 -22.07 20.76
N GLY A 545 2.08 -21.61 21.60
CA GLY A 545 1.08 -22.50 22.18
C GLY A 545 1.61 -23.34 23.34
N ASP A 546 2.79 -22.99 23.86
CA ASP A 546 3.41 -23.71 24.97
C ASP A 546 2.71 -23.33 26.26
N SER A 547 2.40 -24.34 27.07
CA SER A 547 1.74 -24.15 28.36
C SER A 547 2.59 -24.74 29.48
N GLU A 548 2.53 -24.12 30.65
CA GLU A 548 3.20 -24.63 31.84
C GLU A 548 2.46 -24.18 33.10
N GLU A 549 2.48 -25.04 34.12
CA GLU A 549 1.92 -24.70 35.42
C GLU A 549 2.91 -23.85 36.19
N VAL A 550 2.41 -22.85 36.91
CA VAL A 550 3.24 -21.89 37.65
C VAL A 550 2.54 -21.57 38.97
N HIS A 551 3.31 -21.56 40.05
CA HIS A 551 2.80 -21.18 41.37
C HIS A 551 2.83 -19.65 41.50
N ILE A 552 1.84 -19.09 42.18
CA ILE A 552 1.65 -17.63 42.22
C ILE A 552 2.81 -16.82 42.81
N ASP A 553 3.56 -17.41 43.74
CA ASP A 553 4.80 -16.79 44.26
C ASP A 553 5.91 -16.63 43.22
N ASP A 554 5.92 -17.48 42.19
CA ASP A 554 6.87 -17.38 41.08
C ASP A 554 6.35 -16.59 39.87
N LEU A 555 5.06 -16.25 39.89
CA LEU A 555 4.35 -15.84 38.66
C LEU A 555 4.83 -14.51 38.09
N MET A 556 5.08 -13.53 38.95
CA MET A 556 5.58 -12.23 38.50
C MET A 556 6.92 -12.36 37.77
N THR A 557 7.85 -13.14 38.33
N THR A 557 7.84 -13.13 38.34
CA THR A 557 9.16 -13.36 37.71
CA THR A 557 9.15 -13.38 37.72
C THR A 557 9.06 -14.15 36.41
C THR A 557 9.06 -14.15 36.41
N VAL A 558 8.21 -15.18 36.37
CA VAL A 558 8.01 -16.00 35.17
C VAL A 558 7.39 -15.20 34.02
N ILE A 559 6.35 -14.42 34.32
CA ILE A 559 5.68 -13.57 33.32
C ILE A 559 6.61 -12.48 32.80
N THR A 560 7.29 -11.78 33.72
CA THR A 560 8.24 -10.71 33.36
C THR A 560 9.36 -11.22 32.44
N ASN A 561 9.94 -12.37 32.78
CA ASN A 561 10.99 -12.98 31.96
C ASN A 561 10.48 -13.40 30.57
N LYS A 562 9.30 -14.04 30.53
CA LYS A 562 8.66 -14.39 29.26
C LYS A 562 8.35 -13.15 28.42
N TYR A 563 7.82 -12.11 29.06
CA TYR A 563 7.47 -10.85 28.39
C TYR A 563 8.69 -10.14 27.82
N ASP A 564 9.76 -10.07 28.61
CA ASP A 564 11.02 -9.46 28.17
C ASP A 564 11.66 -10.20 26.98
N ASN A 565 11.46 -11.51 26.91
CA ASN A 565 12.02 -12.33 25.82
C ASN A 565 11.14 -12.40 24.56
N LEU A 566 9.94 -11.84 24.59
CA LEU A 566 9.12 -11.67 23.38
C LEU A 566 9.82 -10.77 22.38
N LYS A 567 9.63 -11.04 21.10
CA LYS A 567 10.24 -10.26 20.02
C LYS A 567 9.86 -8.78 20.10
PG ANP B . -2.49 3.29 -3.35
O1G ANP B . -1.79 2.93 -4.62
O2G ANP B . -3.81 3.97 -3.58
O3G ANP B . -2.61 2.14 -2.39
PB ANP B . -1.38 6.11 -2.81
O1B ANP B . -0.18 6.39 -3.66
O2B ANP B . -2.73 6.61 -3.26
N3B ANP B . -1.44 4.40 -2.52
PA ANP B . -0.46 8.03 -0.83
O1A ANP B . 1.04 8.05 -0.98
O2A ANP B . -1.28 9.15 -1.40
O3A ANP B . -1.08 6.63 -1.31
O5' ANP B . -0.79 7.98 0.75
C5' ANP B . 0.18 7.63 1.75
C4' ANP B . -0.17 6.33 2.45
O4' ANP B . -1.52 6.30 2.92
C3' ANP B . -0.04 5.10 1.55
O3' ANP B . 1.31 4.66 1.47
C2' ANP B . -0.96 4.11 2.22
O2' ANP B . -0.26 3.38 3.23
C1' ANP B . -2.05 4.97 2.83
N9 ANP B . -3.29 4.96 2.03
C8 ANP B . -3.46 5.55 0.84
N7 ANP B . -4.72 5.35 0.37
C5 ANP B . -5.38 4.61 1.28
C6 ANP B . -6.73 4.05 1.44
N6 ANP B . -7.66 4.24 0.48
N1 ANP B . -7.01 3.33 2.55
C2 ANP B . -6.08 3.14 3.51
N3 ANP B . -4.83 3.63 3.44
C4 ANP B . -4.42 4.36 2.37
O4' HFG C . -0.90 12.15 -1.47
C21 HFG C . -0.04 11.97 -2.33
C3' HFG C . 1.37 12.43 -2.10
C2' HFG C . 1.78 12.44 -0.62
N1' HFG C . 1.04 13.43 0.13
C6' HFG C . 1.38 13.62 1.53
C5' HFG C . 1.37 12.29 2.28
C4' HFG C . 2.14 11.20 1.52
C39 HFG C . 1.67 11.08 0.07
O7' HFG C . 2.49 10.12 -0.61
C1' HFG C . -0.38 11.29 -3.67
N3 HFG C . -1.83 11.38 -3.86
C4 HFG C . -2.41 12.65 -4.05
O11 HFG C . -1.72 13.69 -4.07
C10 HFG C . -3.88 12.73 -4.20
C5 HFG C . -4.56 13.93 -4.39
C2 HFG C . -2.60 10.26 -3.81
N1 HFG C . -3.93 10.29 -3.95
C9 HFG C . -4.62 11.44 -4.14
C8 HFG C . -6.00 11.43 -4.28
C7 HFG C . -6.67 12.63 -4.47
BR1 HFG C . -8.52 12.66 -4.63
C6 HFG C . -5.93 13.91 -4.52
CL1 HFG C . -6.83 15.43 -4.79
MG MG D . -4.41 5.85 -3.98
P PO4 E . -9.85 10.81 -9.89
O1 PO4 E . -8.63 10.06 -9.39
O2 PO4 E . -11.10 9.98 -9.68
O3 PO4 E . -9.68 11.11 -11.37
O4 PO4 E . -9.97 12.10 -9.13
C1 GOL F . 1.61 1.55 -5.14
O1 GOL F . 0.43 0.88 -4.66
C2 GOL F . 1.27 2.65 -6.13
O2 GOL F . 0.22 2.20 -6.99
C3 GOL F . 0.82 3.94 -5.41
O3 GOL F . 1.89 4.79 -4.95
#